data_9FWA
#
_entry.id   9FWA
#
_cell.length_a   46.600
_cell.length_b   55.932
_cell.length_c   73.336
_cell.angle_alpha   90.00
_cell.angle_beta   90.00
_cell.angle_gamma   90.00
#
_symmetry.space_group_name_H-M   'P 21 21 21'
#
loop_
_entity.id
_entity.type
_entity.pdbx_description
1 polymer 'Retroaldolase 36 (RAD36)'
2 non-polymer 'MAGNESIUM ION'
3 non-polymer 3,6,9,12,15-PENTAOXAHEPTADECAN-1-OL
4 water water
#
_entity_poly.entity_id   1
_entity_poly.type   'polypeptide(L)'
_entity_poly.pdbx_seq_one_letter_code
;SGMRERVEEALRRAKERREEIIGKYLEWAKTFANNPELQKEINERALKAIKDPSDEKDLKALGIALAIGMKGPIELGEEA
VEELLGLLERLGKLSEKHAELADFLKALVQAYMTLKKTLSEEEYRVTYLGMIAVVLLALSEGDYDTAKAALELVVEGDYE
PFLELAEPYAEEAKEAWEINKKLVEYGLKVLEKMKEAIKEVE
;
_entity_poly.pdbx_strand_id   A
#
loop_
_chem_comp.id
_chem_comp.type
_chem_comp.name
_chem_comp.formula
AE4 non-polymer 3,6,9,12,15-PENTAOXAHEPTADECAN-1-OL 'C12 H26 O6'
MG non-polymer 'MAGNESIUM ION' 'Mg 2'
#
# COMPACT_ATOMS: atom_id res chain seq x y z
N SER A 1 20.24 -9.82 -9.27
CA SER A 1 19.41 -9.78 -10.48
C SER A 1 18.35 -10.89 -10.53
N GLY A 2 17.32 -10.70 -11.37
CA GLY A 2 16.27 -11.68 -11.52
C GLY A 2 15.23 -11.61 -10.41
N MET A 3 14.37 -12.63 -10.37
CA MET A 3 13.35 -12.77 -9.34
C MET A 3 12.90 -14.23 -9.31
N ARG A 4 12.27 -14.61 -8.19
CA ARG A 4 11.76 -15.97 -8.07
C ARG A 4 10.64 -16.26 -9.08
N GLU A 5 10.51 -17.55 -9.43
CA GLU A 5 9.51 -17.97 -10.40
C GLU A 5 8.08 -17.59 -9.97
N ARG A 6 7.78 -17.68 -8.67
CA ARG A 6 6.45 -17.29 -8.22
C ARG A 6 6.17 -15.82 -8.51
N VAL A 7 7.21 -14.98 -8.42
CA VAL A 7 7.07 -13.56 -8.70
C VAL A 7 6.97 -13.32 -10.20
N GLU A 8 7.78 -14.01 -11.00
CA GLU A 8 7.63 -13.92 -12.46
C GLU A 8 6.21 -14.30 -12.89
N GLU A 9 5.67 -15.37 -12.31
CA GLU A 9 4.33 -15.83 -12.69
C GLU A 9 3.25 -14.86 -12.25
N ALA A 10 3.41 -14.24 -11.08
CA ALA A 10 2.45 -13.21 -10.66
C ALA A 10 2.47 -12.02 -11.62
N LEU A 11 3.66 -11.63 -12.09
CA LEU A 11 3.74 -10.54 -13.07
C LEU A 11 3.08 -10.92 -14.38
N ARG A 12 3.30 -12.15 -14.84
CA ARG A 12 2.71 -12.60 -16.10
C ARG A 12 1.19 -12.59 -16.00
N ARG A 13 0.65 -13.15 -14.92
CA ARG A 13 -0.80 -13.21 -14.77
C ARG A 13 -1.43 -11.84 -14.53
N ALA A 14 -0.74 -10.95 -13.83
CA ALA A 14 -1.29 -9.61 -13.64
C ALA A 14 -1.32 -8.85 -14.96
N LYS A 15 -0.33 -9.05 -15.82
CA LYS A 15 -0.34 -8.37 -17.11
C LYS A 15 -1.46 -8.90 -18.02
N GLU A 16 -1.73 -10.21 -17.95
CA GLU A 16 -2.86 -10.73 -18.71
C GLU A 16 -4.18 -10.14 -18.23
N ARG A 17 -4.29 -9.88 -16.92
CA ARG A 17 -5.54 -9.39 -16.34
C ARG A 17 -5.47 -7.90 -15.99
N ARG A 18 -4.59 -7.14 -16.64
CA ARG A 18 -4.33 -5.78 -16.14
C ARG A 18 -5.51 -4.83 -16.35
N GLU A 19 -6.27 -4.95 -17.44
CA GLU A 19 -7.46 -4.09 -17.56
C GLU A 19 -8.40 -4.30 -16.38
N GLU A 20 -8.61 -5.56 -15.99
CA GLU A 20 -9.50 -5.88 -14.88
C GLU A 20 -8.93 -5.40 -13.55
N ILE A 21 -7.65 -5.70 -13.29
CA ILE A 21 -7.07 -5.42 -11.98
C ILE A 21 -6.93 -3.91 -11.76
N ILE A 22 -6.39 -3.20 -12.75
CA ILE A 22 -6.24 -1.75 -12.63
C ILE A 22 -7.60 -1.07 -12.54
N GLY A 23 -8.58 -1.55 -13.34
CA GLY A 23 -9.91 -0.95 -13.30
C GLY A 23 -10.59 -1.14 -11.96
N LYS A 24 -10.44 -2.31 -11.36
CA LYS A 24 -11.08 -2.59 -10.08
C LYS A 24 -10.44 -1.77 -8.96
N TYR A 25 -9.11 -1.61 -9.00
CA TYR A 25 -8.41 -0.77 -8.04
C TYR A 25 -8.87 0.68 -8.11
N LEU A 26 -8.85 1.27 -9.31
CA LEU A 26 -9.30 2.65 -9.47
C LEU A 26 -10.75 2.83 -8.97
N GLU A 27 -11.64 1.90 -9.31
CA GLU A 27 -13.04 2.08 -8.94
C GLU A 27 -13.27 1.92 -7.46
N TRP A 28 -12.52 1.03 -6.80
CA TRP A 28 -12.62 0.92 -5.36
C TRP A 28 -12.15 2.22 -4.70
N ALA A 29 -11.04 2.78 -5.18
CA ALA A 29 -10.55 4.03 -4.59
C ALA A 29 -11.52 5.17 -4.79
N LYS A 30 -12.13 5.26 -5.98
CA LYS A 30 -13.16 6.27 -6.22
C LYS A 30 -14.36 6.07 -5.30
N THR A 31 -14.81 4.82 -5.14
CA THR A 31 -15.95 4.55 -4.27
C THR A 31 -15.63 4.93 -2.83
N PHE A 32 -14.44 4.55 -2.36
CA PHE A 32 -14.03 4.84 -0.99
C PHE A 32 -14.04 6.35 -0.72
N ALA A 33 -13.48 7.12 -1.65
CA ALA A 33 -13.37 8.57 -1.49
C ALA A 33 -14.73 9.26 -1.49
N ASN A 34 -15.76 8.63 -2.05
CA ASN A 34 -17.08 9.26 -2.15
C ASN A 34 -18.14 8.59 -1.29
N ASN A 35 -17.78 7.62 -0.46
CA ASN A 35 -18.74 6.86 0.34
C ASN A 35 -18.32 6.91 1.80
N PRO A 36 -18.85 7.84 2.59
CA PRO A 36 -18.41 7.97 3.98
C PRO A 36 -18.69 6.75 4.84
N GLU A 37 -19.69 5.92 4.48
CA GLU A 37 -19.96 4.71 5.24
C GLU A 37 -18.86 3.68 5.06
N LEU A 38 -18.24 3.62 3.88
CA LEU A 38 -17.10 2.74 3.68
C LEU A 38 -15.88 3.22 4.47
N GLN A 39 -15.68 4.54 4.55
CA GLN A 39 -14.57 5.06 5.35
C GLN A 39 -14.75 4.74 6.84
N LYS A 40 -15.96 4.88 7.37
CA LYS A 40 -16.21 4.56 8.77
C LYS A 40 -15.97 3.07 9.05
N GLU A 41 -16.37 2.21 8.11
CA GLU A 41 -16.20 0.77 8.29
C GLU A 41 -14.73 0.37 8.35
N ILE A 42 -13.92 0.91 7.42
CA ILE A 42 -12.48 0.59 7.43
C ILE A 42 -11.86 1.06 8.74
N ASN A 43 -12.27 2.23 9.22
CA ASN A 43 -11.66 2.77 10.42
C ASN A 43 -12.03 1.96 11.66
N GLU A 44 -13.29 1.56 11.80
CA GLU A 44 -13.63 0.83 13.02
C GLU A 44 -13.06 -0.59 13.02
N ARG A 45 -12.94 -1.22 11.85
CA ARG A 45 -12.32 -2.53 11.81
C ARG A 45 -10.81 -2.46 12.04
N ALA A 46 -10.18 -1.39 11.57
CA ALA A 46 -8.75 -1.18 11.84
C ALA A 46 -8.48 -1.01 13.33
N LEU A 47 -9.35 -0.30 14.04
CA LEU A 47 -9.17 -0.15 15.48
C LEU A 47 -9.35 -1.48 16.22
N LYS A 48 -10.33 -2.30 15.81
CA LYS A 48 -10.45 -3.63 16.39
C LYS A 48 -9.18 -4.44 16.14
N ALA A 49 -8.58 -4.32 14.95
CA ALA A 49 -7.41 -5.14 14.62
C ALA A 49 -6.21 -4.82 15.52
N ILE A 50 -6.13 -3.59 16.02
CA ILE A 50 -5.03 -3.22 16.91
C ILE A 50 -5.15 -3.96 18.24
N LYS A 51 -6.38 -4.20 18.68
CA LYS A 51 -6.65 -4.92 19.93
C LYS A 51 -6.65 -6.44 19.74
N ASP A 52 -6.93 -6.94 18.54
CA ASP A 52 -7.02 -8.37 18.27
C ASP A 52 -6.83 -8.64 16.77
N PRO A 53 -5.67 -9.13 16.36
CA PRO A 53 -5.37 -9.31 14.93
C PRO A 53 -5.86 -10.63 14.32
N SER A 54 -6.58 -11.45 15.08
CA SER A 54 -6.81 -12.83 14.67
C SER A 54 -7.70 -12.94 13.42
N ASP A 55 -8.57 -11.96 13.18
CA ASP A 55 -9.49 -11.99 12.04
C ASP A 55 -8.84 -11.32 10.84
N GLU A 56 -8.70 -12.08 9.74
CA GLU A 56 -8.00 -11.57 8.57
C GLU A 56 -8.68 -10.34 7.99
N LYS A 57 -10.01 -10.25 8.12
CA LYS A 57 -10.75 -9.11 7.56
C LYS A 57 -10.47 -7.83 8.34
N ASP A 58 -10.30 -7.93 9.66
CA ASP A 58 -9.92 -6.76 10.46
C ASP A 58 -8.49 -6.31 10.13
N LEU A 59 -7.57 -7.26 9.99
CA LEU A 59 -6.18 -6.92 9.68
C LEU A 59 -6.06 -6.30 8.30
N LYS A 60 -6.89 -6.76 7.35
CA LYS A 60 -6.92 -6.13 6.03
C LYS A 60 -7.35 -4.68 6.11
N ALA A 61 -8.37 -4.38 6.92
CA ALA A 61 -8.78 -3.00 7.11
C ALA A 61 -7.67 -2.15 7.73
N LEU A 62 -6.95 -2.68 8.73
CA LEU A 62 -5.81 -1.95 9.29
C LEU A 62 -4.75 -1.66 8.22
N GLY A 63 -4.45 -2.65 7.36
CA GLY A 63 -3.51 -2.40 6.27
C GLY A 63 -3.97 -1.34 5.28
N ILE A 64 -5.26 -1.34 4.91
CA ILE A 64 -5.78 -0.34 3.99
C ILE A 64 -5.69 1.05 4.59
N ALA A 65 -6.07 1.18 5.88
CA ALA A 65 -6.04 2.49 6.51
C ALA A 65 -4.63 3.03 6.59
N LEU A 66 -3.65 2.17 6.89
CA LEU A 66 -2.27 2.64 6.96
C LEU A 66 -1.65 2.87 5.58
N ALA A 67 -2.07 2.11 4.56
CA ALA A 67 -1.56 2.35 3.22
C ALA A 67 -2.07 3.68 2.65
N ILE A 68 -3.29 4.10 3.02
CA ILE A 68 -3.75 5.43 2.64
C ILE A 68 -3.06 6.50 3.49
N GLY A 69 -2.97 6.27 4.80
CA GLY A 69 -2.40 7.28 5.67
C GLY A 69 -0.94 7.58 5.38
N MET A 70 -0.20 6.57 4.89
CA MET A 70 1.26 6.73 4.72
C MET A 70 1.62 7.74 3.64
N LYS A 71 0.68 8.11 2.77
N LYS A 71 0.67 8.13 2.79
N LYS A 71 0.67 8.12 2.79
CA LYS A 71 1.02 9.03 1.66
CA LYS A 71 1.00 9.02 1.66
CA LYS A 71 1.02 9.02 1.65
C LYS A 71 1.44 10.39 2.23
C LYS A 71 1.42 10.39 2.21
C LYS A 71 1.42 10.40 2.21
N GLY A 72 0.89 10.76 3.38
CA GLY A 72 1.25 12.02 3.99
C GLY A 72 2.73 12.09 4.32
N PRO A 73 3.19 11.20 5.21
CA PRO A 73 4.62 11.17 5.53
C PRO A 73 5.53 11.06 4.32
N ILE A 74 5.16 10.24 3.32
CA ILE A 74 6.00 10.11 2.13
C ILE A 74 6.21 11.46 1.46
N GLU A 75 5.18 12.30 1.42
CA GLU A 75 5.33 13.61 0.80
C GLU A 75 6.02 14.63 1.72
N LEU A 76 6.28 14.28 2.98
CA LEU A 76 6.90 15.20 3.94
C LEU A 76 8.39 14.95 4.14
N GLY A 77 8.91 13.80 3.76
CA GLY A 77 10.36 13.61 3.73
C GLY A 77 10.90 12.77 4.87
N GLU A 78 12.23 12.86 5.04
CA GLU A 78 12.96 11.85 5.82
C GLU A 78 12.50 11.77 7.27
N GLU A 79 12.35 12.93 7.93
CA GLU A 79 11.95 12.92 9.34
C GLU A 79 10.59 12.27 9.52
N ALA A 80 9.60 12.68 8.71
CA ALA A 80 8.26 12.14 8.82
C ALA A 80 8.23 10.64 8.52
N VAL A 81 8.99 10.21 7.51
CA VAL A 81 9.04 8.79 7.17
C VAL A 81 9.68 7.97 8.30
N GLU A 82 10.76 8.50 8.90
CA GLU A 82 11.39 7.77 10.01
C GLU A 82 10.43 7.64 11.19
N GLU A 83 9.65 8.69 11.48
CA GLU A 83 8.65 8.56 12.53
C GLU A 83 7.58 7.54 12.17
N LEU A 84 7.15 7.51 10.90
CA LEU A 84 6.13 6.54 10.49
C LEU A 84 6.67 5.11 10.60
N LEU A 85 7.91 4.88 10.16
CA LEU A 85 8.48 3.54 10.31
C LEU A 85 8.65 3.17 11.77
N GLY A 86 8.94 4.15 12.63
CA GLY A 86 9.00 3.87 14.06
C GLY A 86 7.67 3.41 14.61
N LEU A 87 6.58 4.04 14.16
CA LEU A 87 5.25 3.61 14.55
C LEU A 87 4.94 2.20 14.06
N LEU A 88 5.28 1.88 12.82
CA LEU A 88 5.07 0.53 12.30
C LEU A 88 5.85 -0.49 13.12
N GLU A 89 7.06 -0.13 13.54
CA GLU A 89 7.86 -1.06 14.34
C GLU A 89 7.18 -1.36 15.67
N ARG A 90 6.64 -0.33 16.32
CA ARG A 90 5.88 -0.51 17.56
C ARG A 90 4.66 -1.38 17.33
N LEU A 91 3.94 -1.15 16.23
CA LEU A 91 2.80 -2.00 15.89
C LEU A 91 3.21 -3.45 15.76
N GLY A 92 4.36 -3.71 15.13
CA GLY A 92 4.79 -5.07 14.90
C GLY A 92 5.18 -5.82 16.16
N LYS A 93 5.60 -5.10 17.20
CA LYS A 93 5.98 -5.75 18.45
C LYS A 93 4.78 -6.31 19.21
N LEU A 94 3.55 -6.03 18.76
CA LEU A 94 2.37 -6.41 19.53
C LEU A 94 2.07 -7.91 19.41
N SER A 95 2.34 -8.52 18.26
CA SER A 95 2.02 -9.91 18.01
C SER A 95 2.68 -10.35 16.71
N GLU A 96 2.67 -11.65 16.46
CA GLU A 96 3.25 -12.19 15.22
C GLU A 96 2.44 -11.77 13.99
N LYS A 97 1.11 -11.73 14.09
CA LYS A 97 0.29 -11.30 12.96
C LYS A 97 0.45 -9.82 12.68
N HIS A 98 0.52 -8.99 13.73
CA HIS A 98 0.82 -7.57 13.55
C HIS A 98 2.20 -7.39 12.90
N ALA A 99 3.17 -8.22 13.27
CA ALA A 99 4.51 -8.13 12.68
C ALA A 99 4.49 -8.41 11.18
N GLU A 100 3.68 -9.39 10.75
CA GLU A 100 3.60 -9.69 9.32
C GLU A 100 3.04 -8.51 8.54
N LEU A 101 2.00 -7.87 9.09
CA LEU A 101 1.46 -6.67 8.43
C LEU A 101 2.48 -5.54 8.44
N ALA A 102 3.15 -5.33 9.57
CA ALA A 102 4.07 -4.21 9.70
C ALA A 102 5.26 -4.36 8.76
N ASP A 103 5.76 -5.59 8.60
CA ASP A 103 6.87 -5.82 7.69
C ASP A 103 6.48 -5.51 6.25
N PHE A 104 5.26 -5.86 5.86
CA PHE A 104 4.77 -5.53 4.51
C PHE A 104 4.68 -4.03 4.33
N LEU A 105 4.10 -3.33 5.30
CA LEU A 105 3.93 -1.88 5.14
C LEU A 105 5.28 -1.17 5.11
N LYS A 106 6.25 -1.64 5.89
CA LYS A 106 7.59 -1.03 5.82
C LYS A 106 8.18 -1.12 4.41
N ALA A 107 8.03 -2.28 3.76
CA ALA A 107 8.52 -2.43 2.40
C ALA A 107 7.78 -1.51 1.41
N LEU A 108 6.48 -1.30 1.64
CA LEU A 108 5.73 -0.41 0.76
C LEU A 108 6.23 1.03 0.89
N VAL A 109 6.51 1.47 2.13
CA VAL A 109 7.09 2.80 2.34
C VAL A 109 8.41 2.94 1.58
N GLN A 110 9.27 1.92 1.69
CA GLN A 110 10.60 2.00 1.07
C GLN A 110 10.49 1.97 -0.46
N ALA A 111 9.52 1.23 -1.01
CA ALA A 111 9.33 1.23 -2.46
C ALA A 111 8.92 2.60 -2.98
N TYR A 112 7.92 3.22 -2.36
CA TYR A 112 7.54 4.60 -2.69
C TYR A 112 8.75 5.52 -2.72
N MET A 113 9.56 5.50 -1.65
CA MET A 113 10.66 6.45 -1.54
C MET A 113 11.72 6.23 -2.62
N THR A 114 11.98 4.97 -2.99
CA THR A 114 12.93 4.70 -4.07
C THR A 114 12.43 5.28 -5.38
N LEU A 115 11.16 5.06 -5.71
CA LEU A 115 10.61 5.57 -6.98
C LEU A 115 10.67 7.10 -7.04
N LYS A 116 10.25 7.78 -5.96
CA LYS A 116 10.15 9.24 -5.98
C LYS A 116 11.50 9.91 -6.13
N LYS A 117 12.55 9.30 -5.60
CA LYS A 117 13.86 9.92 -5.61
C LYS A 117 14.67 9.59 -6.86
N THR A 118 14.20 8.66 -7.72
CA THR A 118 14.97 8.24 -8.87
C THR A 118 14.29 8.44 -10.22
N LEU A 119 12.97 8.56 -10.27
CA LEU A 119 12.25 8.64 -11.53
C LEU A 119 11.60 10.01 -11.72
N SER A 120 11.28 10.32 -12.98
CA SER A 120 10.39 11.43 -13.29
C SER A 120 9.04 11.25 -12.61
N GLU A 121 8.28 12.35 -12.49
CA GLU A 121 6.99 12.27 -11.82
C GLU A 121 6.05 11.31 -12.53
N GLU A 122 5.97 11.38 -13.87
CA GLU A 122 5.01 10.50 -14.53
C GLU A 122 5.47 9.04 -14.49
N GLU A 123 6.77 8.77 -14.64
CA GLU A 123 7.23 7.38 -14.52
C GLU A 123 7.04 6.84 -13.10
N TYR A 124 7.21 7.70 -12.09
CA TYR A 124 6.93 7.33 -10.70
C TYR A 124 5.50 6.83 -10.55
N ARG A 125 4.53 7.63 -11.04
CA ARG A 125 3.13 7.31 -10.82
C ARG A 125 2.70 6.07 -11.61
N VAL A 126 3.18 5.93 -12.85
CA VAL A 126 2.83 4.76 -13.65
C VAL A 126 3.48 3.50 -13.08
N THR A 127 4.76 3.58 -12.68
CA THR A 127 5.40 2.41 -12.08
C THR A 127 4.66 1.97 -10.83
N TYR A 128 4.24 2.93 -10.00
CA TYR A 128 3.51 2.60 -8.78
C TYR A 128 2.24 1.82 -9.08
N LEU A 129 1.48 2.24 -10.11
CA LEU A 129 0.27 1.53 -10.47
C LEU A 129 0.56 0.10 -10.90
N GLY A 130 1.62 -0.10 -11.69
CA GLY A 130 1.96 -1.46 -12.11
C GLY A 130 2.39 -2.33 -10.93
N MET A 131 3.15 -1.75 -10.01
CA MET A 131 3.57 -2.46 -8.81
C MET A 131 2.38 -2.89 -7.97
N ILE A 132 1.43 -1.97 -7.77
CA ILE A 132 0.32 -2.29 -6.88
C ILE A 132 -0.62 -3.29 -7.53
N ALA A 133 -0.66 -3.34 -8.88
CA ALA A 133 -1.43 -4.36 -9.57
C ALA A 133 -0.92 -5.76 -9.27
N VAL A 134 0.41 -5.94 -9.30
CA VAL A 134 0.98 -7.26 -8.98
C VAL A 134 0.77 -7.58 -7.50
N VAL A 135 0.93 -6.58 -6.64
CA VAL A 135 0.78 -6.78 -5.20
C VAL A 135 -0.65 -7.20 -4.88
N LEU A 136 -1.63 -6.51 -5.46
CA LEU A 136 -3.03 -6.83 -5.20
C LEU A 136 -3.40 -8.24 -5.68
N LEU A 137 -2.85 -8.67 -6.81
CA LEU A 137 -3.14 -10.02 -7.28
C LEU A 137 -2.59 -11.06 -6.31
N ALA A 138 -1.36 -10.86 -5.84
CA ALA A 138 -0.74 -11.79 -4.89
C ALA A 138 -1.51 -11.84 -3.57
N LEU A 139 -1.86 -10.67 -3.02
CA LEU A 139 -2.60 -10.66 -1.76
C LEU A 139 -3.98 -11.29 -1.91
N SER A 140 -4.63 -11.11 -3.07
CA SER A 140 -5.96 -11.70 -3.25
C SER A 140 -5.91 -13.23 -3.25
N GLU A 141 -4.76 -13.81 -3.58
CA GLU A 141 -4.55 -15.26 -3.56
C GLU A 141 -3.93 -15.74 -2.24
N GLY A 142 -3.78 -14.86 -1.26
CA GLY A 142 -3.16 -15.25 0.00
C GLY A 142 -1.66 -15.47 -0.07
N ASP A 143 -0.99 -14.94 -1.09
CA ASP A 143 0.43 -15.15 -1.27
C ASP A 143 1.19 -13.91 -0.83
N TYR A 144 1.43 -13.84 0.48
CA TYR A 144 2.04 -12.65 1.07
C TYR A 144 3.53 -12.54 0.75
N ASP A 145 4.22 -13.68 0.62
CA ASP A 145 5.64 -13.63 0.29
C ASP A 145 5.87 -13.05 -1.11
N THR A 146 5.00 -13.39 -2.06
CA THR A 146 5.14 -12.86 -3.42
C THR A 146 4.84 -11.36 -3.46
N ALA A 147 3.81 -10.92 -2.73
CA ALA A 147 3.53 -9.49 -2.62
C ALA A 147 4.73 -8.71 -2.09
N LYS A 148 5.34 -9.17 -0.99
CA LYS A 148 6.49 -8.47 -0.44
C LYS A 148 7.69 -8.51 -1.39
N ALA A 149 7.86 -9.61 -2.12
CA ALA A 149 8.96 -9.71 -3.07
C ALA A 149 8.86 -8.63 -4.14
N ALA A 150 7.66 -8.39 -4.66
CA ALA A 150 7.50 -7.36 -5.69
C ALA A 150 7.93 -6.00 -5.16
N LEU A 151 7.60 -5.71 -3.90
CA LEU A 151 8.00 -4.43 -3.31
C LEU A 151 9.50 -4.34 -3.16
N GLU A 152 10.15 -5.44 -2.75
CA GLU A 152 11.60 -5.46 -2.61
C GLU A 152 12.31 -5.23 -3.92
N LEU A 153 11.76 -5.77 -5.03
CA LEU A 153 12.37 -5.54 -6.33
C LEU A 153 12.41 -4.05 -6.67
N VAL A 154 11.35 -3.32 -6.32
CA VAL A 154 11.32 -1.89 -6.61
C VAL A 154 12.25 -1.13 -5.68
N VAL A 155 12.31 -1.53 -4.40
CA VAL A 155 13.29 -0.96 -3.47
C VAL A 155 14.69 -1.00 -4.06
N GLU A 156 15.04 -2.11 -4.73
CA GLU A 156 16.37 -2.28 -5.30
C GLU A 156 16.54 -1.60 -6.65
N GLY A 157 15.50 -0.97 -7.19
CA GLY A 157 15.61 -0.25 -8.44
C GLY A 157 15.21 -1.01 -9.69
N ASP A 158 14.60 -2.18 -9.54
CA ASP A 158 14.15 -2.97 -10.69
C ASP A 158 12.71 -2.58 -11.03
N TYR A 159 12.56 -1.33 -11.48
CA TYR A 159 11.25 -0.75 -11.77
C TYR A 159 10.69 -1.20 -13.12
N GLU A 160 11.53 -1.61 -14.06
CA GLU A 160 11.08 -1.76 -15.45
C GLU A 160 9.94 -2.76 -15.67
N PRO A 161 9.88 -3.91 -14.99
CA PRO A 161 8.74 -4.82 -15.24
C PRO A 161 7.41 -4.21 -14.86
N PHE A 162 7.39 -3.34 -13.84
CA PHE A 162 6.15 -2.77 -13.34
C PHE A 162 5.73 -1.55 -14.15
N LEU A 163 6.68 -0.70 -14.55
CA LEU A 163 6.38 0.35 -15.51
C LEU A 163 5.78 -0.23 -16.78
N GLU A 164 6.40 -1.28 -17.32
CA GLU A 164 5.94 -1.88 -18.56
C GLU A 164 4.50 -2.38 -18.43
N LEU A 165 4.15 -2.94 -17.27
CA LEU A 165 2.78 -3.44 -17.08
C LEU A 165 1.75 -2.33 -17.21
N ALA A 166 2.06 -1.14 -16.69
CA ALA A 166 1.05 -0.07 -16.63
C ALA A 166 1.17 0.98 -17.73
N GLU A 167 2.11 0.85 -18.67
CA GLU A 167 2.24 1.84 -19.73
C GLU A 167 0.92 2.12 -20.47
N PRO A 168 0.07 1.15 -20.78
CA PRO A 168 -1.17 1.48 -21.49
C PRO A 168 -2.29 1.98 -20.60
N TYR A 169 -1.98 2.26 -19.33
CA TYR A 169 -2.93 2.73 -18.33
C TYR A 169 -2.43 4.02 -17.68
N ALA A 170 -1.80 4.87 -18.49
CA ALA A 170 -1.25 6.12 -17.95
C ALA A 170 -2.35 7.05 -17.46
N GLU A 171 -3.52 7.02 -18.11
CA GLU A 171 -4.59 7.90 -17.67
C GLU A 171 -5.14 7.46 -16.32
N GLU A 172 -5.29 6.15 -16.11
CA GLU A 172 -5.73 5.64 -14.82
C GLU A 172 -4.73 5.94 -13.71
N ALA A 173 -3.43 5.96 -14.04
CA ALA A 173 -2.43 6.31 -13.03
C ALA A 173 -2.59 7.75 -12.56
N LYS A 174 -2.89 8.66 -13.49
CA LYS A 174 -3.14 10.05 -13.16
C LYS A 174 -4.42 10.19 -12.32
N GLU A 175 -5.47 9.45 -12.67
CA GLU A 175 -6.72 9.55 -11.92
C GLU A 175 -6.55 9.01 -10.50
N ALA A 176 -5.80 7.92 -10.35
CA ALA A 176 -5.54 7.40 -9.01
C ALA A 176 -4.80 8.42 -8.14
N TRP A 177 -3.92 9.22 -8.74
CA TRP A 177 -3.29 10.31 -8.00
C TRP A 177 -4.24 11.49 -7.75
N GLU A 178 -5.19 11.75 -8.66
CA GLU A 178 -6.21 12.76 -8.34
C GLU A 178 -7.09 12.32 -7.17
N ILE A 179 -7.30 11.00 -7.02
CA ILE A 179 -8.15 10.51 -5.94
C ILE A 179 -7.43 10.58 -4.60
N ASN A 180 -6.14 10.25 -4.58
CA ASN A 180 -5.38 10.39 -3.34
C ASN A 180 -5.45 11.81 -2.79
N LYS A 181 -5.57 12.82 -3.66
CA LYS A 181 -5.65 14.19 -3.19
C LYS A 181 -6.93 14.42 -2.40
N LYS A 182 -8.03 13.79 -2.81
CA LYS A 182 -9.27 13.88 -2.03
C LYS A 182 -9.21 13.14 -0.70
N LEU A 183 -8.19 12.33 -0.46
CA LEU A 183 -8.10 11.54 0.77
C LEU A 183 -7.06 12.08 1.75
N VAL A 184 -6.51 13.26 1.50
CA VAL A 184 -5.45 13.78 2.38
C VAL A 184 -5.97 13.97 3.79
N GLU A 185 -7.17 14.54 3.93
CA GLU A 185 -7.72 14.78 5.27
C GLU A 185 -8.07 13.47 5.98
N TYR A 186 -8.70 12.53 5.27
CA TYR A 186 -8.94 11.21 5.85
C TYR A 186 -7.64 10.60 6.39
N GLY A 187 -6.55 10.71 5.62
CA GLY A 187 -5.32 10.03 6.00
C GLY A 187 -4.67 10.63 7.23
N LEU A 188 -4.64 11.96 7.32
CA LEU A 188 -4.05 12.63 8.48
C LEU A 188 -4.79 12.25 9.76
N LYS A 189 -6.13 12.22 9.69
CA LYS A 189 -6.94 11.90 10.85
C LYS A 189 -6.79 10.44 11.25
N VAL A 190 -6.79 9.53 10.28
CA VAL A 190 -6.76 8.12 10.67
C VAL A 190 -5.38 7.75 11.22
N LEU A 191 -4.32 8.41 10.74
CA LEU A 191 -2.98 8.14 11.26
C LEU A 191 -2.86 8.58 12.72
N GLU A 192 -3.45 9.73 13.07
CA GLU A 192 -3.43 10.16 14.47
C GLU A 192 -4.25 9.22 15.35
N LYS A 193 -5.37 8.69 14.82
CA LYS A 193 -6.21 7.79 15.62
C LYS A 193 -5.51 6.46 15.88
N MET A 194 -4.85 5.91 14.86
CA MET A 194 -4.14 4.64 15.04
C MET A 194 -2.96 4.80 16.00
N LYS A 195 -2.26 5.93 15.93
CA LYS A 195 -1.14 6.15 16.84
C LYS A 195 -1.60 6.13 18.29
N GLU A 196 -2.74 6.76 18.58
CA GLU A 196 -3.27 6.75 19.95
C GLU A 196 -3.68 5.35 20.37
N ALA A 197 -4.29 4.59 19.46
CA ALA A 197 -4.78 3.26 19.82
C ALA A 197 -3.63 2.29 20.09
N ILE A 198 -2.53 2.42 19.34
CA ILE A 198 -1.38 1.56 19.56
C ILE A 198 -0.76 1.84 20.93
N LYS A 199 -0.66 3.11 21.31
CA LYS A 199 -0.14 3.44 22.62
C LYS A 199 -0.98 2.82 23.73
N GLU A 200 -2.28 2.66 23.51
CA GLU A 200 -3.17 2.19 24.58
C GLU A 200 -2.96 0.71 24.89
N VAL A 201 -2.55 -0.10 23.90
CA VAL A 201 -2.42 -1.54 24.09
C VAL A 201 -0.97 -1.97 24.28
N GLU A 202 -0.05 -1.02 24.48
CA GLU A 202 1.35 -1.37 24.71
C GLU A 202 1.61 -1.79 26.15
MG MG B . -12.62 -12.88 16.00
MG MG C . -6.25 -7.69 22.82
C2 AE4 D . -5.88 5.17 -3.24
C3 AE4 D . -4.97 4.05 -2.92
O4 AE4 D . -5.57 3.18 -1.97
C5 AE4 D . -4.66 2.19 -1.50
C6 AE4 D . -5.42 1.07 -0.87
O7 AE4 D . -5.14 -0.14 -1.54
C8 AE4 D . -6.05 -1.19 -1.18
C9 AE4 D . -7.40 -0.87 -1.73
C11 AE4 D . -7.67 -1.80 -3.89
O10 AE4 D . -7.87 -1.98 -2.50
C12 AE4 D . -8.90 -2.21 -4.62
O13 AE4 D . -9.39 -3.45 -4.12
C14 AE4 D . -9.94 -4.28 -5.14
C15 AE4 D . -8.87 -4.59 -6.16
O16 AE4 D . -8.57 -5.98 -6.14
C17 AE4 D . -7.68 -6.37 -7.17
C18 AE4 D . -8.29 -7.45 -8.00
O19 AE4 D . -7.57 -8.66 -7.92
#